data_6QDA
#
_entry.id   6QDA
#
_cell.length_a   48.048
_cell.length_b   90.414
_cell.length_c   53.316
_cell.angle_alpha   90.00
_cell.angle_beta   111.97
_cell.angle_gamma   90.00
#
_symmetry.space_group_name_H-M   'P 1 21 1'
#
loop_
_entity.id
_entity.type
_entity.pdbx_description
1 polymer 'Glycylpeptide N-tetradecanoyltransferase'
2 non-polymer TETRADECANOYL-COA
3 non-polymer 'MAGNESIUM ION'
4 non-polymer 3-[methyl-[2-[methyl-(1-methylpiperidin-4-yl)amino]quinazolin-4-yl]amino]propanenitrile
5 water water
#
_entity_poly.entity_id   1
_entity_poly.type   'polypeptide(L)'
_entity_poly.pdbx_seq_one_letter_code
;MSRNPSNSDAAHAFWSTQPVPQTEDETEKIVFAGPMDEPKTVADIPEEPYPIASTFEWWTPNMEAADDIHAIYELLRDNY
VEDDDSMFRFNYSEEFLQWALCPPNYIPDWHVAVRRKADKKLLAFIAGVPVTLRMGTPKYMKVKAQEKGEGEEAAKYDEP
RHICEINFLCVHKQLREKRLAPILIKEATRRVNRTNVWQAVYTAGVLLPTPYASGQYFHRSLNPEKLVEIRFSGIPAQYQ
KFQNPMAMLKRNYQLPSAPKNSGLREMKPSDVPQVRRILMNYLDSFDVGPVFSDAEISHYLLPRDGVVFTYVVENDKKVT
DFFSFYRIPSTVIGNSNYNLLNAAYVHYYAATSIPLHQLILDLLIVAHSRGFDVCNMVEILDNRSFVEQLKFGAGDGHLR
YYFYNWAYPKIKPSQVALVML
;
_entity_poly.pdbx_strand_id   A
#
loop_
_chem_comp.id
_chem_comp.type
_chem_comp.name
_chem_comp.formula
HWZ non-polymer 3-[methyl-[2-[methyl-(1-methylpiperidin-4-yl)amino]quinazolin-4-yl]amino]propanenitrile 'C19 H26 N6'
MG non-polymer 'MAGNESIUM ION' 'Mg 2'
MYA non-polymer TETRADECANOYL-COA 'C35 H62 N7 O17 P3 S'
#
# COMPACT_ATOMS: atom_id res chain seq x y z
N ALA A 11 1.69 -25.61 -12.41
CA ALA A 11 0.69 -24.50 -12.33
C ALA A 11 1.36 -23.13 -12.27
N HIS A 12 2.54 -22.99 -11.62
CA HIS A 12 3.20 -21.69 -11.66
C HIS A 12 4.64 -21.84 -12.15
N ALA A 13 4.84 -21.72 -13.46
CA ALA A 13 6.15 -21.93 -14.08
C ALA A 13 7.19 -20.95 -13.54
N PHE A 14 6.75 -19.75 -13.11
CA PHE A 14 7.73 -18.85 -12.50
C PHE A 14 7.78 -19.00 -10.99
N TRP A 15 6.60 -18.88 -10.32
CA TRP A 15 6.61 -18.82 -8.86
C TRP A 15 7.11 -20.12 -8.21
N SER A 16 6.98 -21.23 -8.93
CA SER A 16 7.52 -22.47 -8.42
C SER A 16 9.06 -22.47 -8.32
N THR A 17 9.73 -21.52 -8.99
CA THR A 17 11.19 -21.51 -9.02
C THR A 17 11.76 -20.56 -7.96
N GLN A 18 10.87 -19.87 -7.24
CA GLN A 18 11.29 -18.80 -6.32
C GLN A 18 11.21 -19.18 -4.85
N PRO A 19 12.00 -18.51 -3.99
CA PRO A 19 11.99 -18.82 -2.57
C PRO A 19 10.81 -18.22 -1.81
N VAL A 20 9.63 -18.79 -2.07
CA VAL A 20 8.39 -18.40 -1.38
C VAL A 20 7.69 -19.70 -1.01
N PRO A 21 6.83 -19.70 0.04
CA PRO A 21 6.06 -20.87 0.38
C PRO A 21 5.15 -21.23 -0.79
N GLN A 22 5.07 -22.53 -1.09
CA GLN A 22 4.46 -22.95 -2.34
C GLN A 22 2.99 -23.29 -2.16
N THR A 23 2.58 -23.63 -0.94
CA THR A 23 1.15 -23.94 -0.74
C THR A 23 0.68 -23.42 0.62
N GLU A 24 -0.65 -23.36 0.82
CA GLU A 24 -1.22 -23.11 2.14
C GLU A 24 -0.77 -24.18 3.14
N ASP A 25 -0.74 -25.46 2.68
CA ASP A 25 -0.35 -26.59 3.50
C ASP A 25 1.03 -26.33 4.09
N GLU A 26 1.96 -25.92 3.23
CA GLU A 26 3.32 -25.62 3.65
C GLU A 26 3.28 -24.47 4.67
N THR A 27 2.50 -23.43 4.36
CA THR A 27 2.36 -22.26 5.20
C THR A 27 1.87 -22.69 6.59
N GLU A 28 1.11 -23.79 6.62
CA GLU A 28 0.50 -24.26 7.85
C GLU A 28 1.58 -24.81 8.80
N LYS A 29 2.67 -25.34 8.22
CA LYS A 29 3.77 -25.96 8.95
C LYS A 29 4.81 -24.92 9.41
N ILE A 30 4.66 -23.64 9.01
CA ILE A 30 5.63 -22.62 9.41
C ILE A 30 5.37 -22.16 10.82
N VAL A 31 6.42 -22.29 11.65
CA VAL A 31 6.28 -21.96 13.06
C VAL A 31 7.24 -20.81 13.42
N PHE A 32 8.31 -20.57 12.63
CA PHE A 32 9.19 -19.46 12.98
C PHE A 32 9.44 -18.59 11.75
N ALA A 33 9.63 -17.29 11.98
CA ALA A 33 10.10 -16.41 10.93
C ALA A 33 11.54 -16.77 10.55
N GLY A 34 11.85 -16.70 9.26
CA GLY A 34 13.23 -16.83 8.89
C GLY A 34 13.35 -16.97 7.37
N PRO A 35 14.57 -16.97 6.81
CA PRO A 35 14.73 -17.02 5.35
C PRO A 35 14.36 -18.37 4.74
N MET A 36 14.03 -18.39 3.45
CA MET A 36 13.70 -19.65 2.79
C MET A 36 14.93 -20.19 2.07
N ASP A 37 15.66 -19.29 1.40
CA ASP A 37 16.70 -19.59 0.42
C ASP A 37 18.01 -19.86 1.13
N GLU A 38 18.97 -20.41 0.38
CA GLU A 38 20.34 -20.60 0.86
C GLU A 38 20.96 -19.24 1.22
N PRO A 39 21.80 -19.15 2.26
CA PRO A 39 22.56 -17.92 2.53
C PRO A 39 23.45 -17.61 1.34
N LYS A 40 23.47 -16.34 0.94
CA LYS A 40 24.33 -15.94 -0.17
C LYS A 40 24.95 -14.59 0.13
N THR A 41 25.95 -14.18 -0.66
CA THR A 41 26.63 -12.91 -0.46
C THR A 41 26.47 -12.09 -1.74
N VAL A 42 26.73 -10.79 -1.66
CA VAL A 42 26.75 -9.93 -2.83
C VAL A 42 27.68 -10.54 -3.90
N ALA A 43 28.79 -11.14 -3.43
CA ALA A 43 29.78 -11.67 -4.36
C ALA A 43 29.22 -12.78 -5.23
N ASP A 44 28.21 -13.50 -4.72
CA ASP A 44 27.60 -14.60 -5.45
C ASP A 44 26.64 -14.10 -6.53
N ILE A 45 26.28 -12.83 -6.49
CA ILE A 45 25.24 -12.34 -7.38
C ILE A 45 25.85 -11.76 -8.65
N PRO A 46 25.34 -12.20 -9.82
CA PRO A 46 25.78 -11.72 -11.12
C PRO A 46 25.86 -10.19 -11.15
N GLU A 47 27.01 -9.70 -11.56
CA GLU A 47 27.22 -8.28 -11.81
C GLU A 47 26.46 -7.76 -13.04
N GLU A 48 26.33 -8.63 -14.06
CA GLU A 48 25.71 -8.28 -15.33
CA GLU A 48 25.72 -8.34 -15.36
C GLU A 48 24.20 -8.40 -15.23
N PRO A 49 23.45 -7.46 -15.86
CA PRO A 49 21.99 -7.49 -15.83
C PRO A 49 21.49 -8.86 -16.30
N TYR A 50 20.31 -9.22 -15.82
CA TYR A 50 19.68 -10.44 -16.31
C TYR A 50 19.48 -10.35 -17.83
N PRO A 51 19.68 -11.45 -18.61
CA PRO A 51 19.49 -11.40 -20.05
C PRO A 51 18.11 -10.94 -20.48
N ILE A 52 18.07 -10.17 -21.56
CA ILE A 52 16.81 -9.73 -22.08
C ILE A 52 16.96 -9.70 -23.60
N ALA A 53 15.83 -9.82 -24.30
CA ALA A 53 15.89 -9.95 -25.75
C ALA A 53 16.52 -8.73 -26.38
N SER A 54 17.10 -8.96 -27.55
CA SER A 54 17.97 -7.97 -28.15
C SER A 54 17.23 -6.68 -28.54
N THR A 55 15.90 -6.75 -28.70
CA THR A 55 15.10 -5.61 -29.12
C THR A 55 14.65 -4.77 -27.92
N PHE A 56 14.98 -5.23 -26.70
CA PHE A 56 14.64 -4.47 -25.49
C PHE A 56 15.89 -4.06 -24.71
N GLU A 57 15.74 -3.10 -23.78
CA GLU A 57 16.86 -2.76 -22.91
C GLU A 57 16.33 -2.39 -21.53
N TRP A 58 17.18 -2.58 -20.53
CA TRP A 58 16.89 -2.12 -19.18
C TRP A 58 17.13 -0.62 -19.13
N TRP A 59 16.27 0.05 -18.37
CA TRP A 59 16.41 1.48 -18.15
C TRP A 59 16.16 1.78 -16.67
N THR A 60 17.01 2.60 -16.05
CA THR A 60 16.80 3.08 -14.69
C THR A 60 16.29 4.52 -14.79
N PRO A 61 14.98 4.78 -14.57
CA PRO A 61 14.49 6.15 -14.58
C PRO A 61 15.03 6.88 -13.36
N ASN A 62 15.24 8.19 -13.49
CA ASN A 62 15.53 9.03 -12.34
C ASN A 62 14.21 9.57 -11.79
N MET A 63 13.65 9.04 -10.67
CA MET A 63 12.27 9.50 -10.33
C MET A 63 12.22 10.80 -9.57
N GLU A 64 13.35 11.39 -9.48
CA GLU A 64 13.36 12.75 -9.00
C GLU A 64 13.32 13.75 -10.16
N ALA A 65 13.47 13.25 -11.41
CA ALA A 65 13.49 14.07 -12.62
C ALA A 65 12.09 14.06 -13.24
N ALA A 66 11.44 15.22 -13.24
CA ALA A 66 10.06 15.38 -13.74
C ALA A 66 9.79 14.57 -15.00
N ASP A 67 10.68 14.64 -16.01
CA ASP A 67 10.38 14.04 -17.29
C ASP A 67 10.35 12.51 -17.16
N ASP A 68 11.25 11.93 -16.37
CA ASP A 68 11.28 10.46 -16.23
C ASP A 68 10.05 10.03 -15.43
N ILE A 69 9.69 10.82 -14.40
CA ILE A 69 8.47 10.49 -13.65
C ILE A 69 7.27 10.52 -14.61
N HIS A 70 7.24 11.54 -15.47
CA HIS A 70 6.16 11.60 -16.45
C HIS A 70 6.06 10.36 -17.34
N ALA A 71 7.19 9.82 -17.80
CA ALA A 71 7.19 8.64 -18.66
C ALA A 71 6.58 7.44 -17.91
N ILE A 72 6.98 7.26 -16.63
CA ILE A 72 6.46 6.13 -15.88
CA ILE A 72 6.47 6.17 -15.79
C ILE A 72 4.97 6.38 -15.57
N TYR A 73 4.63 7.65 -15.27
CA TYR A 73 3.23 8.01 -15.02
C TYR A 73 2.35 7.59 -16.21
N GLU A 74 2.80 7.87 -17.45
CA GLU A 74 1.99 7.51 -18.61
CA GLU A 74 1.96 7.52 -18.59
C GLU A 74 1.81 6.00 -18.75
N LEU A 75 2.89 5.23 -18.50
CA LEU A 75 2.77 3.79 -18.58
C LEU A 75 1.69 3.33 -17.61
N LEU A 76 1.76 3.82 -16.37
CA LEU A 76 0.81 3.36 -15.36
C LEU A 76 -0.62 3.83 -15.67
N ARG A 77 -0.75 5.11 -16.05
CA ARG A 77 -2.04 5.66 -16.42
C ARG A 77 -2.75 4.75 -17.42
N ASP A 78 -2.02 4.25 -18.42
CA ASP A 78 -2.64 3.55 -19.53
C ASP A 78 -2.66 2.03 -19.32
N ASN A 79 -1.89 1.49 -18.35
CA ASN A 79 -1.65 0.04 -18.33
C ASN A 79 -1.67 -0.58 -16.93
N TYR A 80 -1.87 0.23 -15.89
CA TYR A 80 -1.86 -0.30 -14.52
C TYR A 80 -3.19 -0.94 -14.12
N VAL A 81 -3.40 -1.17 -12.81
CA VAL A 81 -4.48 -2.07 -12.39
C VAL A 81 -5.86 -1.48 -12.78
N GLU A 82 -6.71 -2.36 -13.30
CA GLU A 82 -8.12 -1.96 -13.56
C GLU A 82 -9.04 -3.09 -13.14
N ASP A 83 -10.33 -2.78 -12.99
CA ASP A 83 -11.29 -3.87 -12.76
C ASP A 83 -11.52 -4.73 -14.01
N ASP A 84 -12.19 -5.88 -13.77
CA ASP A 84 -12.47 -6.86 -14.82
C ASP A 84 -13.39 -6.32 -15.91
N ASP A 85 -14.27 -5.37 -15.52
CA ASP A 85 -15.21 -4.80 -16.47
C ASP A 85 -14.65 -3.57 -17.15
N SER A 86 -13.35 -3.31 -16.91
CA SER A 86 -12.62 -2.20 -17.50
C SER A 86 -13.42 -0.91 -17.41
N MET A 87 -13.84 -0.57 -16.17
CA MET A 87 -14.55 0.67 -15.88
C MET A 87 -13.65 1.70 -15.21
N PHE A 88 -12.68 1.24 -14.42
CA PHE A 88 -11.81 2.16 -13.69
C PHE A 88 -10.38 1.66 -13.77
N ARG A 89 -9.45 2.58 -13.97
CA ARG A 89 -8.03 2.21 -13.96
C ARG A 89 -7.31 3.20 -13.05
N PHE A 90 -6.42 2.72 -12.16
CA PHE A 90 -5.72 3.67 -11.29
C PHE A 90 -4.93 4.70 -12.11
N ASN A 91 -4.95 5.92 -11.60
CA ASN A 91 -4.22 7.03 -12.20
C ASN A 91 -3.39 7.75 -11.12
N TYR A 92 -2.42 7.03 -10.54
CA TYR A 92 -1.48 7.62 -9.60
C TYR A 92 -0.79 8.82 -10.24
N SER A 93 -0.77 9.94 -9.51
CA SER A 93 -0.26 11.18 -10.10
C SER A 93 1.27 11.17 -10.11
N GLU A 94 1.83 12.09 -10.93
CA GLU A 94 3.27 12.25 -10.95
C GLU A 94 3.82 12.62 -9.57
N GLU A 95 3.12 13.52 -8.88
CA GLU A 95 3.55 13.96 -7.57
C GLU A 95 3.51 12.80 -6.59
N PHE A 96 2.46 11.98 -6.67
CA PHE A 96 2.38 10.79 -5.84
C PHE A 96 3.51 9.80 -6.12
N LEU A 97 3.82 9.56 -7.41
CA LEU A 97 4.91 8.63 -7.72
C LEU A 97 6.25 9.12 -7.19
N GLN A 98 6.50 10.43 -7.29
CA GLN A 98 7.79 10.90 -6.80
C GLN A 98 7.87 10.67 -5.28
N TRP A 99 6.75 10.94 -4.58
CA TRP A 99 6.69 10.74 -3.13
C TRP A 99 6.85 9.26 -2.78
N ALA A 100 6.14 8.37 -3.47
CA ALA A 100 6.15 6.95 -3.13
C ALA A 100 7.50 6.27 -3.43
N LEU A 101 8.17 6.78 -4.48
CA LEU A 101 9.31 6.01 -4.91
CA LEU A 101 9.32 6.14 -5.09
C LEU A 101 10.62 6.65 -4.45
N CYS A 102 10.57 7.84 -3.88
CA CYS A 102 11.85 8.43 -3.40
C CYS A 102 11.83 8.82 -1.91
N PRO A 103 11.60 7.86 -1.03
CA PRO A 103 11.65 8.17 0.40
C PRO A 103 13.11 8.27 0.84
N PRO A 104 13.40 8.61 2.11
CA PRO A 104 14.77 8.74 2.56
C PRO A 104 15.62 7.49 2.30
N ASN A 105 16.80 7.72 1.72
CA ASN A 105 17.81 6.71 1.48
C ASN A 105 17.36 5.69 0.46
N TYR A 106 16.46 6.06 -0.46
CA TYR A 106 16.07 5.10 -1.49
C TYR A 106 17.26 4.81 -2.39
N ILE A 107 17.19 3.66 -3.06
CA ILE A 107 18.24 3.25 -3.98
CA ILE A 107 18.22 3.20 -3.97
C ILE A 107 17.74 3.43 -5.40
N PRO A 108 18.35 4.35 -6.18
CA PRO A 108 17.84 4.58 -7.53
C PRO A 108 17.82 3.31 -8.35
N ASP A 109 18.80 2.41 -8.15
CA ASP A 109 18.94 1.18 -8.94
CA ASP A 109 18.89 1.23 -9.02
C ASP A 109 17.74 0.25 -8.76
N TRP A 110 16.99 0.43 -7.67
CA TRP A 110 15.83 -0.46 -7.45
C TRP A 110 14.61 -0.10 -8.30
N HIS A 111 14.66 1.00 -9.06
CA HIS A 111 13.59 1.35 -9.96
C HIS A 111 13.97 0.85 -11.34
N VAL A 112 13.19 -0.11 -11.85
CA VAL A 112 13.63 -0.90 -13.00
C VAL A 112 12.59 -0.79 -14.12
N ALA A 113 13.02 -0.40 -15.32
CA ALA A 113 12.13 -0.30 -16.45
C ALA A 113 12.69 -1.08 -17.62
N VAL A 114 11.80 -1.40 -18.55
CA VAL A 114 12.17 -1.97 -19.84
C VAL A 114 11.72 -0.99 -20.91
N ARG A 115 12.62 -0.63 -21.82
CA ARG A 115 12.20 0.10 -23.02
C ARG A 115 12.55 -0.68 -24.28
N ARG A 116 11.77 -0.44 -25.34
CA ARG A 116 12.12 -0.95 -26.65
CA ARG A 116 12.07 -0.93 -26.69
C ARG A 116 13.24 -0.08 -27.20
N LYS A 117 14.32 -0.72 -27.63
CA LYS A 117 15.61 -0.09 -27.89
CA LYS A 117 15.61 -0.10 -27.89
C LYS A 117 15.51 0.93 -29.02
N ALA A 118 14.67 0.62 -30.02
CA ALA A 118 14.63 1.38 -31.25
C ALA A 118 14.16 2.80 -31.00
N ASP A 119 12.88 2.93 -30.62
CA ASP A 119 12.22 4.22 -30.40
C ASP A 119 12.20 4.58 -28.92
N LYS A 120 12.63 3.65 -28.08
CA LYS A 120 12.66 3.89 -26.65
C LYS A 120 11.24 3.93 -26.07
N LYS A 121 10.25 3.23 -26.66
CA LYS A 121 8.94 3.17 -25.99
C LYS A 121 9.07 2.46 -24.65
N LEU A 122 8.46 2.98 -23.59
CA LEU A 122 8.44 2.30 -22.30
C LEU A 122 7.44 1.16 -22.29
N LEU A 123 7.92 -0.06 -21.91
CA LEU A 123 7.16 -1.30 -22.06
C LEU A 123 6.79 -1.87 -20.68
N ALA A 124 7.56 -1.54 -19.64
CA ALA A 124 7.35 -2.24 -18.35
C ALA A 124 8.08 -1.54 -17.22
N PHE A 125 7.62 -1.74 -15.97
CA PHE A 125 8.23 -1.09 -14.83
C PHE A 125 8.02 -1.96 -13.59
N ILE A 126 8.95 -1.85 -12.65
CA ILE A 126 8.71 -2.34 -11.28
C ILE A 126 9.55 -1.46 -10.35
N ALA A 127 9.09 -1.25 -9.13
CA ALA A 127 9.82 -0.36 -8.25
C ALA A 127 10.01 -1.01 -6.89
N GLY A 128 11.23 -0.93 -6.35
CA GLY A 128 11.45 -1.25 -4.93
C GLY A 128 11.92 -0.02 -4.17
N VAL A 129 11.50 0.07 -2.90
CA VAL A 129 11.94 1.12 -1.99
C VAL A 129 12.35 0.47 -0.68
N PRO A 130 13.25 1.09 0.09
CA PRO A 130 13.61 0.49 1.37
C PRO A 130 12.48 0.65 2.40
N VAL A 131 12.40 -0.33 3.30
CA VAL A 131 11.53 -0.21 4.44
C VAL A 131 12.25 -0.94 5.57
N THR A 132 12.10 -0.43 6.79
CA THR A 132 12.61 -1.15 7.93
C THR A 132 11.40 -1.81 8.59
N LEU A 133 11.37 -3.15 8.66
CA LEU A 133 10.16 -3.87 9.00
C LEU A 133 10.44 -4.82 10.16
N ARG A 134 9.54 -4.79 11.15
CA ARG A 134 9.43 -5.89 12.11
C ARG A 134 8.73 -7.06 11.44
N MET A 135 9.40 -8.21 11.42
CA MET A 135 8.92 -9.35 10.69
C MET A 135 9.43 -10.62 11.38
N GLY A 136 9.66 -10.49 12.70
CA GLY A 136 9.99 -11.66 13.51
C GLY A 136 8.74 -12.47 13.86
N THR A 137 8.96 -13.65 14.46
CA THR A 137 7.88 -14.58 14.74
C THR A 137 6.73 -13.89 15.48
N PRO A 138 5.48 -14.05 14.98
CA PRO A 138 4.34 -13.36 15.58
C PRO A 138 4.01 -13.83 16.99
N LYS A 139 3.23 -13.03 17.72
CA LYS A 139 2.98 -13.27 19.15
C LYS A 139 2.42 -14.68 19.38
N TYR A 140 1.41 -15.11 18.60
CA TYR A 140 0.73 -16.38 18.86
C TYR A 140 1.69 -17.55 18.60
N MET A 141 2.68 -17.37 17.73
CA MET A 141 3.63 -18.43 17.48
C MET A 141 4.79 -18.40 18.47
N LYS A 142 5.07 -17.25 19.06
CA LYS A 142 6.07 -17.19 20.12
C LYS A 142 5.54 -17.90 21.36
N VAL A 143 4.20 -17.88 21.54
CA VAL A 143 3.60 -18.65 22.64
C VAL A 143 3.79 -20.14 22.38
N LYS A 144 3.44 -20.59 21.17
CA LYS A 144 3.57 -22.00 20.81
CA LYS A 144 3.58 -22.00 20.82
C LYS A 144 5.02 -22.43 21.04
N ALA A 145 5.98 -21.56 20.68
CA ALA A 145 7.40 -21.88 20.87
C ALA A 145 7.77 -21.98 22.36
N GLN A 146 7.20 -21.11 23.19
CA GLN A 146 7.44 -21.19 24.63
C GLN A 146 6.96 -22.54 25.17
N GLU A 147 5.76 -22.98 24.72
CA GLU A 147 5.19 -24.25 25.16
C GLU A 147 6.02 -25.46 24.71
N LYS A 148 6.83 -25.27 23.66
CA LYS A 148 7.63 -26.36 23.12
C LYS A 148 9.08 -26.28 23.60
N GLY A 149 9.47 -25.20 24.32
CA GLY A 149 10.86 -25.04 24.73
C GLY A 149 11.75 -24.56 23.58
N GLU A 150 11.13 -23.90 22.58
CA GLU A 150 11.78 -23.46 21.34
C GLU A 150 11.84 -21.92 21.23
N GLY A 151 11.98 -21.20 22.35
CA GLY A 151 12.02 -19.74 22.36
C GLY A 151 13.17 -19.09 21.60
N GLU A 152 14.36 -19.71 21.65
CA GLU A 152 15.54 -19.15 21.02
C GLU A 152 15.36 -19.10 19.49
N GLU A 153 14.85 -20.18 18.91
CA GLU A 153 14.73 -20.23 17.45
C GLU A 153 13.63 -19.23 17.05
N ALA A 154 12.60 -19.13 17.88
CA ALA A 154 11.49 -18.23 17.58
C ALA A 154 11.93 -16.77 17.64
N ALA A 155 12.98 -16.44 18.41
CA ALA A 155 13.36 -15.04 18.58
C ALA A 155 14.48 -14.61 17.65
N LYS A 156 14.99 -15.51 16.81
CA LYS A 156 16.23 -15.25 16.07
C LYS A 156 16.16 -14.01 15.19
N TYR A 157 14.97 -13.74 14.62
CA TYR A 157 14.80 -12.70 13.63
CA TYR A 157 14.87 -12.64 13.67
C TYR A 157 13.91 -11.57 14.18
N ASP A 158 13.97 -11.33 15.50
CA ASP A 158 13.13 -10.33 16.14
C ASP A 158 13.55 -8.92 15.76
N GLU A 159 14.83 -8.68 15.45
CA GLU A 159 15.38 -7.36 15.16
CA GLU A 159 15.27 -7.31 15.23
C GLU A 159 14.71 -6.82 13.89
N PRO A 160 14.26 -5.55 13.83
CA PRO A 160 13.73 -4.99 12.57
C PRO A 160 14.74 -5.16 11.46
N ARG A 161 14.24 -5.45 10.25
CA ARG A 161 15.14 -5.75 9.15
C ARG A 161 14.99 -4.66 8.09
N HIS A 162 16.10 -4.26 7.47
CA HIS A 162 16.10 -3.36 6.33
C HIS A 162 15.89 -4.16 5.05
N ILE A 163 14.66 -4.12 4.50
CA ILE A 163 14.34 -4.93 3.34
C ILE A 163 13.81 -4.05 2.20
N CYS A 164 13.24 -4.70 1.19
CA CYS A 164 12.70 -4.02 0.02
C CYS A 164 11.17 -4.11 0.02
N GLU A 165 10.48 -3.00 -0.29
CA GLU A 165 9.05 -3.07 -0.56
C GLU A 165 8.85 -2.89 -2.05
N ILE A 166 8.17 -3.84 -2.69
CA ILE A 166 7.97 -3.80 -4.15
C ILE A 166 6.56 -3.28 -4.47
N ASN A 167 6.47 -2.50 -5.55
CA ASN A 167 5.18 -1.92 -5.93
C ASN A 167 5.26 -1.50 -7.40
N PHE A 168 4.10 -1.22 -8.01
CA PHE A 168 4.03 -0.66 -9.35
C PHE A 168 4.53 -1.59 -10.45
N LEU A 169 4.46 -2.91 -10.23
CA LEU A 169 4.76 -3.81 -11.36
C LEU A 169 3.74 -3.62 -12.49
N CYS A 170 4.24 -3.40 -13.71
CA CYS A 170 3.32 -3.09 -14.80
C CYS A 170 3.95 -3.50 -16.11
N VAL A 171 3.20 -4.26 -16.93
CA VAL A 171 3.63 -4.56 -18.30
C VAL A 171 2.62 -3.93 -19.26
N HIS A 172 3.11 -3.33 -20.36
CA HIS A 172 2.25 -2.67 -21.33
C HIS A 172 1.23 -3.69 -21.83
N LYS A 173 -0.02 -3.24 -22.04
CA LYS A 173 -1.07 -4.14 -22.51
C LYS A 173 -0.74 -4.91 -23.79
N GLN A 174 0.06 -4.32 -24.70
CA GLN A 174 0.36 -5.05 -25.92
C GLN A 174 1.41 -6.15 -25.71
N LEU A 175 2.06 -6.18 -24.54
CA LEU A 175 3.12 -7.14 -24.26
CA LEU A 175 3.12 -7.14 -24.27
C LEU A 175 2.68 -8.16 -23.22
N ARG A 176 1.37 -8.24 -22.93
CA ARG A 176 0.90 -9.17 -21.91
C ARG A 176 1.07 -10.63 -22.32
N GLU A 177 1.24 -11.46 -21.28
CA GLU A 177 1.32 -12.92 -21.36
CA GLU A 177 1.26 -12.92 -21.43
C GLU A 177 2.45 -13.38 -22.27
N LYS A 178 3.58 -12.64 -22.22
CA LYS A 178 4.79 -12.99 -22.96
C LYS A 178 5.95 -13.31 -22.00
N ARG A 179 5.66 -13.54 -20.71
CA ARG A 179 6.65 -13.86 -19.69
C ARG A 179 7.65 -12.74 -19.42
N LEU A 180 7.22 -11.48 -19.62
CA LEU A 180 8.09 -10.37 -19.32
C LEU A 180 8.10 -10.07 -17.80
N ALA A 181 6.98 -10.28 -17.11
CA ALA A 181 6.92 -9.97 -15.68
C ALA A 181 7.99 -10.76 -14.90
N PRO A 182 8.15 -12.10 -15.11
CA PRO A 182 9.22 -12.86 -14.45
C PRO A 182 10.60 -12.27 -14.66
N ILE A 183 10.91 -11.80 -15.89
CA ILE A 183 12.22 -11.24 -16.16
C ILE A 183 12.43 -9.94 -15.35
N LEU A 184 11.37 -9.10 -15.28
CA LEU A 184 11.42 -7.86 -14.53
C LEU A 184 11.65 -8.17 -13.04
N ILE A 185 10.98 -9.20 -12.54
CA ILE A 185 11.11 -9.59 -11.15
C ILE A 185 12.52 -10.13 -10.86
N LYS A 186 13.06 -10.93 -11.78
CA LYS A 186 14.41 -11.47 -11.59
CA LYS A 186 14.41 -11.47 -11.57
C LYS A 186 15.44 -10.36 -11.57
N GLU A 187 15.31 -9.39 -12.49
CA GLU A 187 16.24 -8.27 -12.54
C GLU A 187 16.12 -7.40 -11.28
N ALA A 188 14.88 -7.12 -10.86
CA ALA A 188 14.74 -6.39 -9.62
C ALA A 188 15.38 -7.13 -8.44
N THR A 189 15.21 -8.47 -8.36
CA THR A 189 15.74 -9.24 -7.25
C THR A 189 17.27 -9.15 -7.30
N ARG A 190 17.82 -9.23 -8.52
CA ARG A 190 19.27 -9.07 -8.64
C ARG A 190 19.77 -7.73 -8.09
N ARG A 191 19.13 -6.63 -8.50
CA ARG A 191 19.56 -5.32 -8.06
C ARG A 191 19.48 -5.20 -6.55
N VAL A 192 18.42 -5.74 -5.95
CA VAL A 192 18.24 -5.66 -4.51
C VAL A 192 19.34 -6.49 -3.82
N ASN A 193 19.54 -7.71 -4.33
CA ASN A 193 20.52 -8.61 -3.76
C ASN A 193 21.93 -8.03 -3.89
N ARG A 194 22.20 -7.28 -4.96
CA ARG A 194 23.55 -6.66 -5.12
C ARG A 194 23.79 -5.63 -4.00
N THR A 195 22.74 -5.17 -3.33
CA THR A 195 22.90 -4.24 -2.21
C THR A 195 22.81 -4.95 -0.85
N ASN A 196 22.90 -6.29 -0.83
CA ASN A 196 22.93 -7.09 0.37
C ASN A 196 21.59 -7.08 1.11
N VAL A 197 20.50 -7.07 0.33
CA VAL A 197 19.15 -7.17 0.88
C VAL A 197 18.53 -8.41 0.23
N TRP A 198 17.88 -9.23 1.06
CA TRP A 198 17.53 -10.59 0.67
C TRP A 198 16.04 -10.89 0.85
N GLN A 199 15.29 -9.94 1.46
CA GLN A 199 13.85 -10.17 1.57
C GLN A 199 13.11 -8.99 0.94
N ALA A 200 11.87 -9.25 0.51
CA ALA A 200 11.00 -8.15 0.09
C ALA A 200 9.61 -8.39 0.68
N VAL A 201 8.82 -7.30 0.67
CA VAL A 201 7.41 -7.41 1.02
C VAL A 201 6.63 -6.82 -0.13
N TYR A 202 5.49 -7.43 -0.49
CA TYR A 202 4.66 -6.90 -1.58
C TYR A 202 3.22 -7.23 -1.31
N THR A 203 2.31 -6.46 -1.95
CA THR A 203 0.90 -6.81 -1.85
C THR A 203 0.36 -6.93 -3.27
N ALA A 204 -0.73 -7.68 -3.42
CA ALA A 204 -1.44 -7.79 -4.70
C ALA A 204 -2.88 -8.17 -4.41
N GLY A 205 -3.77 -7.84 -5.36
CA GLY A 205 -5.14 -8.32 -5.30
C GLY A 205 -5.23 -9.80 -5.68
N VAL A 206 -4.41 -10.23 -6.63
CA VAL A 206 -4.43 -11.61 -7.11
C VAL A 206 -3.81 -12.54 -6.08
N LEU A 207 -4.25 -13.80 -6.12
CA LEU A 207 -3.74 -14.85 -5.25
C LEU A 207 -2.55 -15.51 -5.95
N LEU A 208 -1.38 -15.41 -5.32
CA LEU A 208 -0.14 -16.02 -5.78
C LEU A 208 0.34 -16.93 -4.65
N PRO A 209 1.37 -17.77 -4.91
CA PRO A 209 1.98 -18.47 -3.78
C PRO A 209 2.92 -17.56 -2.99
N THR A 210 2.74 -17.39 -1.67
CA THR A 210 1.56 -17.74 -0.87
C THR A 210 1.42 -16.63 0.18
N PRO A 211 0.23 -16.02 0.39
CA PRO A 211 0.18 -14.85 1.27
C PRO A 211 0.40 -15.23 2.73
N TYR A 212 1.04 -14.37 3.49
CA TYR A 212 1.06 -14.59 4.94
C TYR A 212 -0.13 -13.92 5.63
N ALA A 213 -0.87 -13.04 4.93
CA ALA A 213 -2.07 -12.40 5.50
C ALA A 213 -2.91 -11.90 4.33
N SER A 214 -4.23 -11.78 4.54
CA SER A 214 -5.17 -11.27 3.53
CA SER A 214 -5.14 -11.23 3.53
C SER A 214 -6.23 -10.44 4.25
N GLY A 215 -6.61 -9.32 3.64
CA GLY A 215 -7.73 -8.58 4.24
C GLY A 215 -8.64 -8.05 3.13
N GLN A 216 -9.92 -7.89 3.46
CA GLN A 216 -10.87 -7.33 2.52
CA GLN A 216 -10.91 -7.32 2.55
C GLN A 216 -10.71 -5.81 2.47
N TYR A 217 -11.05 -5.24 1.31
CA TYR A 217 -11.17 -3.80 1.23
C TYR A 217 -12.52 -3.35 1.77
N PHE A 218 -12.54 -2.09 2.28
CA PHE A 218 -13.76 -1.43 2.76
C PHE A 218 -13.83 -0.05 2.11
N HIS A 219 -15.07 0.43 1.86
CA HIS A 219 -15.24 1.71 1.19
CA HIS A 219 -15.23 1.72 1.20
C HIS A 219 -16.26 2.51 2.00
N ARG A 220 -16.07 3.84 2.03
CA ARG A 220 -17.01 4.73 2.70
C ARG A 220 -17.39 5.78 1.68
N SER A 221 -18.67 5.78 1.31
CA SER A 221 -19.16 6.72 0.32
CA SER A 221 -19.15 6.72 0.31
C SER A 221 -19.10 8.15 0.84
N LEU A 222 -18.53 9.06 0.04
CA LEU A 222 -18.53 10.47 0.40
C LEU A 222 -19.42 11.26 -0.58
N ASN A 223 -19.42 10.86 -1.87
CA ASN A 223 -20.24 11.50 -2.92
C ASN A 223 -21.09 10.42 -3.59
N PRO A 224 -22.14 9.92 -2.92
CA PRO A 224 -22.83 8.74 -3.41
C PRO A 224 -23.50 8.95 -4.75
N GLU A 225 -23.94 10.19 -5.03
CA GLU A 225 -24.62 10.43 -6.30
C GLU A 225 -23.65 10.21 -7.45
N LYS A 226 -22.40 10.68 -7.29
CA LYS A 226 -21.41 10.44 -8.35
C LYS A 226 -20.99 8.97 -8.38
N LEU A 227 -20.81 8.34 -7.21
CA LEU A 227 -20.43 6.91 -7.21
C LEU A 227 -21.48 6.09 -7.95
N VAL A 228 -22.77 6.41 -7.78
CA VAL A 228 -23.80 5.67 -8.45
C VAL A 228 -23.77 5.97 -9.97
N GLU A 229 -23.60 7.24 -10.34
CA GLU A 229 -23.54 7.67 -11.73
C GLU A 229 -22.46 6.88 -12.49
N ILE A 230 -21.28 6.67 -11.86
CA ILE A 230 -20.16 6.05 -12.56
C ILE A 230 -20.14 4.54 -12.34
N ARG A 231 -21.12 4.05 -11.57
CA ARG A 231 -21.25 2.62 -11.35
C ARG A 231 -20.13 2.07 -10.47
N PHE A 232 -19.52 2.95 -9.66
CA PHE A 232 -18.68 2.44 -8.57
C PHE A 232 -19.58 1.75 -7.56
N SER A 233 -20.75 2.38 -7.34
CA SER A 233 -21.77 1.94 -6.40
CA SER A 233 -21.73 1.84 -6.44
C SER A 233 -23.08 1.73 -7.14
N GLY A 234 -23.99 1.00 -6.53
CA GLY A 234 -25.38 0.97 -7.00
C GLY A 234 -26.27 1.45 -5.86
N ILE A 235 -27.55 1.73 -6.16
CA ILE A 235 -28.44 2.10 -5.07
C ILE A 235 -28.87 0.78 -4.41
N PRO A 236 -28.58 0.51 -3.12
CA PRO A 236 -29.02 -0.73 -2.48
C PRO A 236 -30.53 -0.91 -2.53
N ALA A 237 -30.94 -2.18 -2.70
CA ALA A 237 -32.34 -2.52 -2.96
C ALA A 237 -33.32 -1.91 -1.96
N GLN A 238 -32.95 -1.78 -0.69
CA GLN A 238 -33.83 -1.32 0.38
CA GLN A 238 -34.03 -1.38 0.20
C GLN A 238 -34.24 0.14 0.17
N TYR A 239 -33.42 0.88 -0.56
CA TYR A 239 -33.72 2.29 -0.77
C TYR A 239 -34.86 2.43 -1.80
N GLN A 240 -35.17 1.36 -2.54
CA GLN A 240 -36.26 1.39 -3.51
C GLN A 240 -37.64 1.49 -2.86
N LYS A 241 -37.72 1.22 -1.55
CA LYS A 241 -38.98 1.38 -0.85
C LYS A 241 -39.28 2.85 -0.57
N PHE A 242 -38.39 3.76 -1.02
CA PHE A 242 -38.56 5.19 -0.76
C PHE A 242 -38.96 5.88 -2.06
N GLN A 243 -39.71 6.98 -1.88
CA GLN A 243 -40.13 7.79 -3.02
C GLN A 243 -38.91 8.30 -3.79
N ASN A 244 -37.84 8.67 -3.06
CA ASN A 244 -36.69 9.28 -3.72
C ASN A 244 -35.45 8.54 -3.21
N PRO A 245 -35.13 7.38 -3.82
CA PRO A 245 -34.03 6.54 -3.33
C PRO A 245 -32.72 7.32 -3.22
N MET A 246 -32.37 8.12 -4.24
CA MET A 246 -31.10 8.84 -4.18
C MET A 246 -31.06 9.88 -3.06
N ALA A 247 -32.16 10.61 -2.85
CA ALA A 247 -32.18 11.54 -1.75
C ALA A 247 -31.87 10.87 -0.41
N MET A 248 -32.41 9.65 -0.24
CA MET A 248 -32.25 8.94 1.01
C MET A 248 -30.82 8.42 1.14
N LEU A 249 -30.23 8.06 -0.01
CA LEU A 249 -28.84 7.60 -0.04
C LEU A 249 -27.89 8.74 0.31
N LYS A 250 -28.11 9.91 -0.30
CA LYS A 250 -27.29 11.07 0.03
C LYS A 250 -27.40 11.39 1.53
N ARG A 251 -28.64 11.36 2.04
CA ARG A 251 -28.83 11.70 3.44
C ARG A 251 -28.04 10.74 4.32
N ASN A 252 -28.09 9.46 3.98
CA ASN A 252 -27.44 8.43 4.78
C ASN A 252 -25.93 8.66 4.91
N TYR A 253 -25.30 9.24 3.87
CA TYR A 253 -23.85 9.39 3.89
C TYR A 253 -23.39 10.82 4.20
N GLN A 254 -24.35 11.70 4.54
CA GLN A 254 -24.02 13.10 4.82
CA GLN A 254 -23.99 13.08 4.81
C GLN A 254 -23.05 13.18 5.99
N LEU A 255 -22.14 14.16 5.92
CA LEU A 255 -21.14 14.38 6.94
C LEU A 255 -21.16 15.85 7.33
N PRO A 256 -20.66 16.18 8.55
CA PRO A 256 -20.38 17.58 8.87
C PRO A 256 -19.48 18.27 7.88
N SER A 257 -19.63 19.60 7.84
CA SER A 257 -18.90 20.42 6.89
C SER A 257 -17.58 20.89 7.47
N ALA A 258 -17.34 20.66 8.77
CA ALA A 258 -16.09 21.04 9.41
C ALA A 258 -15.78 20.01 10.49
N PRO A 259 -14.48 19.74 10.79
CA PRO A 259 -14.11 18.73 11.77
C PRO A 259 -14.70 19.01 13.14
N LYS A 260 -14.91 17.93 13.88
CA LYS A 260 -15.59 18.02 15.19
C LYS A 260 -14.57 18.03 16.33
N ASN A 261 -13.33 17.57 16.11
CA ASN A 261 -12.42 17.46 17.23
C ASN A 261 -11.82 18.84 17.48
N SER A 262 -11.91 19.30 18.73
CA SER A 262 -11.21 20.53 19.05
C SER A 262 -9.72 20.28 18.91
N GLY A 263 -9.08 21.27 18.33
CA GLY A 263 -7.63 21.30 18.26
C GLY A 263 -7.11 20.55 17.05
N LEU A 264 -8.01 20.08 16.16
CA LEU A 264 -7.50 19.47 14.91
C LEU A 264 -6.84 20.53 14.02
N ARG A 265 -5.69 20.21 13.42
CA ARG A 265 -5.00 21.11 12.53
C ARG A 265 -4.02 20.29 11.68
N GLU A 266 -3.57 20.85 10.55
CA GLU A 266 -2.61 20.13 9.74
CA GLU A 266 -2.63 20.09 9.75
C GLU A 266 -1.31 19.93 10.50
N MET A 267 -0.64 18.83 10.22
CA MET A 267 0.66 18.51 10.81
C MET A 267 1.72 19.45 10.23
N LYS A 268 2.67 19.87 11.09
CA LYS A 268 3.79 20.64 10.58
CA LYS A 268 3.79 20.73 10.74
C LYS A 268 5.10 20.00 11.02
N PRO A 269 6.26 20.48 10.49
CA PRO A 269 7.56 19.87 10.81
C PRO A 269 7.81 19.67 12.30
N SER A 270 7.42 20.65 13.12
CA SER A 270 7.70 20.58 14.55
C SER A 270 6.95 19.44 15.24
N ASP A 271 5.94 18.88 14.55
CA ASP A 271 5.18 17.78 15.13
C ASP A 271 5.88 16.43 14.96
N VAL A 272 6.96 16.37 14.18
CA VAL A 272 7.49 15.10 13.74
C VAL A 272 7.86 14.24 14.96
N PRO A 273 8.64 14.73 15.96
CA PRO A 273 8.98 13.85 17.08
C PRO A 273 7.78 13.27 17.83
N GLN A 274 6.73 14.06 18.08
CA GLN A 274 5.55 13.63 18.82
CA GLN A 274 5.58 13.59 18.84
C GLN A 274 4.80 12.57 18.00
N VAL A 275 4.67 12.86 16.69
CA VAL A 275 3.93 11.95 15.84
C VAL A 275 4.70 10.62 15.73
N ARG A 276 6.01 10.71 15.62
CA ARG A 276 6.78 9.46 15.56
C ARG A 276 6.59 8.66 16.86
N ARG A 277 6.63 9.34 18.01
CA ARG A 277 6.49 8.67 19.29
CA ARG A 277 6.51 8.62 19.26
C ARG A 277 5.15 7.92 19.35
N ILE A 278 4.05 8.65 19.09
CA ILE A 278 2.77 8.00 19.32
C ILE A 278 2.53 6.94 18.23
N LEU A 279 3.03 7.19 17.01
CA LEU A 279 2.82 6.19 15.98
C LEU A 279 3.59 4.92 16.33
N MET A 280 4.88 5.07 16.70
CA MET A 280 5.67 3.88 16.88
C MET A 280 5.16 3.10 18.12
N ASN A 281 4.68 3.83 19.15
CA ASN A 281 4.16 3.10 20.30
CA ASN A 281 4.11 3.15 20.32
C ASN A 281 2.95 2.25 19.87
N TYR A 282 2.06 2.83 19.07
CA TYR A 282 0.88 2.13 18.56
C TYR A 282 1.26 0.96 17.65
N LEU A 283 2.16 1.17 16.67
CA LEU A 283 2.44 0.09 15.74
C LEU A 283 3.11 -1.12 16.39
N ASP A 284 3.82 -0.88 17.49
CA ASP A 284 4.47 -1.96 18.22
C ASP A 284 3.52 -3.11 18.55
N SER A 285 2.24 -2.78 18.78
CA SER A 285 1.24 -3.75 19.17
CA SER A 285 1.16 -3.68 19.11
C SER A 285 1.00 -4.81 18.09
N PHE A 286 1.39 -4.55 16.83
CA PHE A 286 1.09 -5.45 15.71
C PHE A 286 2.29 -6.35 15.38
N ASP A 287 2.05 -7.55 14.88
CA ASP A 287 3.12 -8.50 14.57
C ASP A 287 4.05 -8.03 13.45
N VAL A 288 3.47 -7.48 12.36
CA VAL A 288 4.25 -7.04 11.23
C VAL A 288 4.01 -5.54 11.08
N GLY A 289 5.07 -4.76 11.13
CA GLY A 289 4.89 -3.33 10.96
C GLY A 289 6.20 -2.60 10.70
N PRO A 290 6.13 -1.37 10.14
CA PRO A 290 7.33 -0.61 9.86
C PRO A 290 7.87 0.16 11.07
N VAL A 291 9.18 0.41 10.99
CA VAL A 291 9.83 1.30 11.94
C VAL A 291 10.24 2.53 11.16
N PHE A 292 9.76 3.70 11.56
CA PHE A 292 10.12 4.90 10.83
C PHE A 292 11.04 5.77 11.68
N SER A 293 12.09 6.31 11.05
CA SER A 293 12.94 7.37 11.60
C SER A 293 12.20 8.70 11.55
N ASP A 294 12.78 9.73 12.19
CA ASP A 294 12.20 11.05 12.00
C ASP A 294 12.11 11.42 10.51
N ALA A 295 13.16 11.17 9.74
CA ALA A 295 13.16 11.57 8.34
C ALA A 295 12.08 10.85 7.55
N GLU A 296 11.80 9.58 7.93
CA GLU A 296 10.73 8.83 7.30
C GLU A 296 9.35 9.32 7.74
N ILE A 297 9.20 9.69 9.01
CA ILE A 297 7.93 10.25 9.46
C ILE A 297 7.66 11.54 8.68
N SER A 298 8.68 12.40 8.55
CA SER A 298 8.55 13.64 7.78
CA SER A 298 8.55 13.63 7.79
C SER A 298 8.12 13.34 6.35
N HIS A 299 8.82 12.40 5.71
CA HIS A 299 8.55 12.07 4.33
C HIS A 299 7.13 11.54 4.13
N TYR A 300 6.74 10.54 4.91
CA TYR A 300 5.48 9.89 4.63
C TYR A 300 4.26 10.63 5.19
N LEU A 301 4.46 11.52 6.18
CA LEU A 301 3.29 12.12 6.83
C LEU A 301 3.17 13.64 6.63
N LEU A 302 4.25 14.39 6.39
CA LEU A 302 3.99 15.82 6.25
C LEU A 302 3.10 16.09 5.05
N PRO A 303 2.10 16.99 5.18
CA PRO A 303 1.17 17.25 4.08
C PRO A 303 1.93 17.56 2.79
N ARG A 304 1.42 17.03 1.69
CA ARG A 304 1.95 17.28 0.35
CA ARG A 304 1.93 17.34 0.36
C ARG A 304 0.74 17.48 -0.57
N ASP A 305 0.68 18.62 -1.25
CA ASP A 305 -0.51 18.98 -2.01
C ASP A 305 -0.85 17.90 -3.04
N GLY A 306 -2.14 17.53 -3.06
CA GLY A 306 -2.73 16.49 -3.90
C GLY A 306 -2.21 15.06 -3.64
N VAL A 307 -1.40 14.86 -2.57
CA VAL A 307 -0.78 13.54 -2.38
C VAL A 307 -1.15 12.99 -1.00
N VAL A 308 -0.68 13.65 0.04
CA VAL A 308 -0.88 13.10 1.37
C VAL A 308 -1.38 14.21 2.28
N PHE A 309 -2.34 13.88 3.18
CA PHE A 309 -3.01 14.86 4.01
C PHE A 309 -2.94 14.33 5.44
N THR A 310 -2.43 15.12 6.39
CA THR A 310 -2.19 14.62 7.74
C THR A 310 -2.55 15.71 8.74
N TYR A 311 -3.36 15.34 9.73
CA TYR A 311 -3.86 16.25 10.74
C TYR A 311 -3.49 15.70 12.12
N VAL A 312 -3.18 16.61 13.07
CA VAL A 312 -2.94 16.22 14.44
C VAL A 312 -4.05 16.84 15.29
N VAL A 313 -4.31 16.17 16.41
CA VAL A 313 -5.15 16.77 17.45
C VAL A 313 -4.20 17.38 18.47
N GLU A 314 -4.25 18.71 18.62
CA GLU A 314 -3.42 19.36 19.62
C GLU A 314 -4.32 20.22 20.50
N ASN A 315 -4.34 19.93 21.81
CA ASN A 315 -4.99 20.83 22.73
C ASN A 315 -4.02 21.14 23.87
N ASP A 316 -4.04 22.39 24.36
CA ASP A 316 -3.18 22.78 25.48
C ASP A 316 -1.73 22.40 25.16
N LYS A 317 -1.32 22.64 23.91
CA LYS A 317 0.07 22.59 23.50
C LYS A 317 0.64 21.16 23.43
N LYS A 318 -0.21 20.13 23.40
CA LYS A 318 0.31 18.77 23.29
C LYS A 318 -0.46 18.04 22.17
N VAL A 319 0.29 17.38 21.29
CA VAL A 319 -0.28 16.52 20.25
C VAL A 319 -0.58 15.15 20.83
N THR A 320 -1.87 14.76 20.72
CA THR A 320 -2.30 13.54 21.38
C THR A 320 -2.76 12.49 20.38
N ASP A 321 -3.05 12.91 19.15
CA ASP A 321 -3.65 11.99 18.18
C ASP A 321 -3.25 12.50 16.80
N PHE A 322 -3.30 11.62 15.78
CA PHE A 322 -3.19 12.13 14.42
C PHE A 322 -3.84 11.12 13.47
N PHE A 323 -4.18 11.61 12.26
CA PHE A 323 -4.50 10.68 11.19
C PHE A 323 -3.94 11.22 9.88
N SER A 324 -3.78 10.31 8.93
CA SER A 324 -3.28 10.67 7.61
C SER A 324 -4.13 9.95 6.56
N PHE A 325 -4.25 10.54 5.37
CA PHE A 325 -4.83 9.84 4.24
C PHE A 325 -4.09 10.26 2.98
N TYR A 326 -4.08 9.39 1.96
CA TYR A 326 -3.47 9.79 0.70
C TYR A 326 -4.45 9.63 -0.47
N ARG A 327 -4.12 10.31 -1.57
CA ARG A 327 -5.02 10.41 -2.73
C ARG A 327 -4.52 9.51 -3.84
N ILE A 328 -5.43 8.62 -4.31
CA ILE A 328 -5.22 7.95 -5.60
C ILE A 328 -6.47 8.14 -6.43
N PRO A 329 -6.40 8.94 -7.52
CA PRO A 329 -7.52 9.01 -8.45
C PRO A 329 -7.54 7.82 -9.39
N SER A 330 -8.72 7.53 -9.96
CA SER A 330 -8.82 6.55 -11.03
C SER A 330 -9.44 7.18 -12.27
N THR A 331 -9.00 6.76 -13.47
CA THR A 331 -9.67 7.10 -14.72
C THR A 331 -11.00 6.34 -14.80
N VAL A 332 -12.07 7.10 -15.06
CA VAL A 332 -13.38 6.50 -15.29
C VAL A 332 -13.45 6.32 -16.80
N ILE A 333 -13.52 5.07 -17.25
CA ILE A 333 -13.46 4.74 -18.67
C ILE A 333 -14.85 4.92 -19.27
N GLY A 334 -15.02 5.95 -20.12
CA GLY A 334 -16.21 6.22 -20.92
C GLY A 334 -17.55 6.34 -20.18
N ASN A 335 -17.60 7.09 -19.07
CA ASN A 335 -18.83 7.73 -18.63
C ASN A 335 -18.89 9.09 -19.32
N SER A 336 -20.08 9.67 -19.47
CA SER A 336 -20.18 10.93 -20.18
C SER A 336 -20.09 12.14 -19.24
N ASN A 337 -20.36 11.93 -17.94
CA ASN A 337 -20.43 13.04 -17.01
C ASN A 337 -19.11 13.23 -16.26
N TYR A 338 -18.37 12.11 -16.08
CA TYR A 338 -17.18 12.13 -15.24
C TYR A 338 -16.02 11.37 -15.89
N ASN A 339 -14.80 11.89 -15.72
CA ASN A 339 -13.56 11.34 -16.24
CA ASN A 339 -13.74 11.03 -16.21
C ASN A 339 -12.74 10.71 -15.10
N LEU A 340 -13.03 11.11 -13.85
CA LEU A 340 -12.13 10.79 -12.73
CA LEU A 340 -12.13 10.75 -12.75
C LEU A 340 -12.90 10.42 -11.47
N LEU A 341 -12.37 9.43 -10.74
CA LEU A 341 -12.85 9.05 -9.41
C LEU A 341 -11.78 9.49 -8.43
N ASN A 342 -12.14 10.30 -7.42
CA ASN A 342 -11.13 10.85 -6.53
C ASN A 342 -11.21 10.09 -5.20
N ALA A 343 -10.29 9.12 -4.99
CA ALA A 343 -10.36 8.32 -3.76
C ALA A 343 -9.33 8.75 -2.70
N ALA A 344 -9.75 8.79 -1.44
CA ALA A 344 -8.88 9.00 -0.26
C ALA A 344 -8.67 7.64 0.39
N TYR A 345 -7.44 7.34 0.78
CA TYR A 345 -7.14 6.05 1.41
C TYR A 345 -6.64 6.32 2.83
N VAL A 346 -7.13 5.54 3.81
CA VAL A 346 -6.70 5.68 5.20
C VAL A 346 -5.23 5.23 5.26
N HIS A 347 -4.40 6.13 5.80
CA HIS A 347 -2.95 5.89 5.89
C HIS A 347 -2.63 5.53 7.34
N TYR A 348 -1.55 6.04 7.94
CA TYR A 348 -1.30 5.79 9.34
C TYR A 348 -2.10 6.75 10.22
N TYR A 349 -2.27 6.32 11.48
CA TYR A 349 -2.95 7.10 12.49
C TYR A 349 -2.58 6.61 13.89
N ALA A 350 -2.90 7.43 14.90
CA ALA A 350 -2.71 6.96 16.27
C ALA A 350 -3.64 7.75 17.16
N ALA A 351 -4.37 7.08 18.04
CA ALA A 351 -5.28 7.81 18.91
C ALA A 351 -4.88 7.53 20.36
N THR A 352 -4.72 8.59 21.17
CA THR A 352 -4.44 8.38 22.59
C THR A 352 -5.46 9.08 23.47
N SER A 353 -6.20 10.08 22.95
CA SER A 353 -7.10 10.90 23.76
C SER A 353 -8.57 10.64 23.50
N ILE A 354 -8.86 10.10 22.31
CA ILE A 354 -10.24 9.94 21.87
C ILE A 354 -10.39 8.58 21.21
N PRO A 355 -11.63 8.07 21.12
CA PRO A 355 -11.84 6.79 20.48
C PRO A 355 -11.49 6.90 18.99
N LEU A 356 -11.01 5.77 18.44
CA LEU A 356 -10.59 5.78 17.05
C LEU A 356 -11.73 6.21 16.11
N HIS A 357 -12.97 5.81 16.38
CA HIS A 357 -14.02 6.22 15.47
C HIS A 357 -14.18 7.74 15.44
N GLN A 358 -13.91 8.41 16.57
CA GLN A 358 -14.06 9.86 16.65
C GLN A 358 -12.94 10.55 15.86
N LEU A 359 -11.77 9.93 15.87
CA LEU A 359 -10.64 10.49 15.11
C LEU A 359 -10.91 10.35 13.61
N ILE A 360 -11.28 9.12 13.22
CA ILE A 360 -11.46 8.82 11.78
C ILE A 360 -12.70 9.53 11.24
N LEU A 361 -13.71 9.84 12.07
CA LEU A 361 -14.80 10.65 11.50
C LEU A 361 -14.28 11.98 10.96
N ASP A 362 -13.29 12.56 11.65
CA ASP A 362 -12.73 13.80 11.14
C ASP A 362 -11.96 13.58 9.83
N LEU A 363 -11.37 12.41 9.65
CA LEU A 363 -10.75 12.09 8.36
C LEU A 363 -11.82 12.14 7.27
N LEU A 364 -12.98 11.49 7.50
CA LEU A 364 -14.00 11.48 6.47
C LEU A 364 -14.47 12.90 6.19
N ILE A 365 -14.63 13.69 7.25
CA ILE A 365 -15.11 15.07 7.10
C ILE A 365 -14.12 15.87 6.26
N VAL A 366 -12.81 15.77 6.58
CA VAL A 366 -11.84 16.54 5.80
C VAL A 366 -11.78 16.04 4.35
N ALA A 367 -11.81 14.72 4.19
CA ALA A 367 -11.73 14.19 2.81
C ALA A 367 -12.95 14.67 1.99
N HIS A 368 -14.13 14.62 2.59
CA HIS A 368 -15.32 15.08 1.89
C HIS A 368 -15.21 16.58 1.54
N SER A 369 -14.80 17.40 2.51
CA SER A 369 -14.59 18.84 2.34
CA SER A 369 -14.65 18.84 2.29
C SER A 369 -13.66 19.14 1.17
N ARG A 370 -12.68 18.26 0.97
CA ARG A 370 -11.67 18.48 -0.06
C ARG A 370 -12.04 17.83 -1.38
N GLY A 371 -13.27 17.32 -1.52
CA GLY A 371 -13.71 16.90 -2.85
C GLY A 371 -13.39 15.45 -3.19
N PHE A 372 -13.11 14.65 -2.17
CA PHE A 372 -12.96 13.21 -2.38
C PHE A 372 -14.33 12.53 -2.48
N ASP A 373 -14.40 11.48 -3.30
CA ASP A 373 -15.67 10.82 -3.62
C ASP A 373 -15.93 9.61 -2.74
N VAL A 374 -14.86 9.00 -2.23
CA VAL A 374 -14.94 7.73 -1.50
C VAL A 374 -13.69 7.66 -0.62
N CYS A 375 -13.84 7.00 0.55
CA CYS A 375 -12.67 6.71 1.37
C CYS A 375 -12.45 5.19 1.37
N ASN A 376 -11.22 4.75 1.03
CA ASN A 376 -10.96 3.31 1.00
C ASN A 376 -9.97 2.90 2.09
N MET A 377 -10.00 1.60 2.46
CA MET A 377 -8.97 1.06 3.35
C MET A 377 -9.06 -0.46 3.31
N VAL A 378 -8.00 -1.13 3.82
CA VAL A 378 -8.02 -2.57 4.02
C VAL A 378 -8.23 -2.77 5.53
N GLU A 379 -8.76 -3.93 5.92
CA GLU A 379 -9.01 -4.21 7.33
C GLU A 379 -7.72 -4.53 8.11
N ILE A 380 -6.66 -3.77 7.84
CA ILE A 380 -5.43 -3.92 8.66
C ILE A 380 -5.49 -2.96 9.86
N LEU A 381 -4.43 -2.97 10.68
CA LEU A 381 -4.38 -2.07 11.87
C LEU A 381 -5.63 -2.32 12.74
N ASP A 382 -6.26 -1.28 13.23
CA ASP A 382 -7.54 -1.43 13.98
C ASP A 382 -8.68 -0.90 13.09
N ASN A 383 -8.51 -0.97 11.76
CA ASN A 383 -9.55 -0.45 10.89
C ASN A 383 -10.95 -1.07 11.13
N ARG A 384 -11.01 -2.35 11.57
CA ARG A 384 -12.32 -2.95 11.81
C ARG A 384 -13.07 -2.25 12.95
N SER A 385 -12.33 -1.48 13.79
CA SER A 385 -12.94 -0.93 14.99
CA SER A 385 -12.91 -0.90 14.98
C SER A 385 -13.90 0.22 14.69
N PHE A 386 -13.87 0.80 13.47
CA PHE A 386 -14.80 1.90 13.22
C PHE A 386 -15.63 1.68 11.95
N VAL A 387 -15.60 0.45 11.40
CA VAL A 387 -16.31 0.14 10.16
C VAL A 387 -17.80 0.48 10.26
N GLU A 388 -18.48 -0.09 11.28
CA GLU A 388 -19.94 -0.01 11.26
C GLU A 388 -20.43 1.41 11.59
N GLN A 389 -19.88 2.01 12.65
CA GLN A 389 -20.35 3.31 13.06
C GLN A 389 -20.11 4.33 11.95
N LEU A 390 -18.97 4.19 11.25
CA LEU A 390 -18.65 5.21 10.24
C LEU A 390 -19.18 4.85 8.85
N LYS A 391 -19.96 3.77 8.79
CA LYS A 391 -20.72 3.36 7.60
C LYS A 391 -19.80 2.97 6.44
N PHE A 392 -18.69 2.32 6.78
CA PHE A 392 -17.94 1.68 5.72
C PHE A 392 -18.64 0.37 5.37
N GLY A 393 -18.46 -0.10 4.15
CA GLY A 393 -18.93 -1.44 3.82
C GLY A 393 -17.82 -2.23 3.13
N ALA A 394 -17.81 -3.55 3.28
CA ALA A 394 -16.84 -4.40 2.59
C ALA A 394 -17.07 -4.34 1.08
N GLY A 395 -15.95 -4.31 0.33
CA GLY A 395 -15.94 -4.40 -1.12
C GLY A 395 -15.70 -5.83 -1.57
N ASP A 396 -15.53 -6.06 -2.88
CA ASP A 396 -15.32 -7.39 -3.42
CA ASP A 396 -15.32 -7.39 -3.43
C ASP A 396 -13.84 -7.73 -3.39
N GLY A 397 -13.01 -6.71 -3.19
CA GLY A 397 -11.57 -6.92 -3.32
C GLY A 397 -10.95 -7.39 -2.03
N HIS A 398 -9.81 -8.07 -2.18
CA HIS A 398 -8.89 -8.30 -1.09
C HIS A 398 -7.51 -7.71 -1.41
N LEU A 399 -6.77 -7.50 -0.35
CA LEU A 399 -5.35 -7.24 -0.53
C LEU A 399 -4.63 -8.37 0.19
N ARG A 400 -3.78 -9.06 -0.56
CA ARG A 400 -2.98 -10.14 0.02
C ARG A 400 -1.57 -9.61 0.22
N TYR A 401 -1.01 -9.95 1.38
CA TYR A 401 0.35 -9.57 1.78
C TYR A 401 1.28 -10.78 1.63
N TYR A 402 2.44 -10.51 1.03
CA TYR A 402 3.43 -11.53 0.70
C TYR A 402 4.82 -11.11 1.15
N PHE A 403 5.61 -12.13 1.49
CA PHE A 403 7.05 -11.90 1.56
C PHE A 403 7.76 -12.69 0.46
N TYR A 404 8.93 -12.16 0.05
CA TYR A 404 9.87 -12.86 -0.82
C TYR A 404 11.04 -13.32 0.04
N ASN A 405 11.33 -14.64 0.01
CA ASN A 405 12.41 -15.23 0.79
C ASN A 405 12.20 -15.07 2.30
N TRP A 406 10.99 -15.27 2.83
CA TRP A 406 10.78 -15.23 4.26
C TRP A 406 9.62 -16.16 4.58
N ALA A 407 9.95 -17.21 5.35
CA ALA A 407 8.90 -18.08 5.91
C ALA A 407 8.19 -17.34 7.01
N TYR A 408 6.85 -17.37 7.03
CA TYR A 408 6.18 -16.59 8.06
C TYR A 408 4.83 -17.27 8.37
N PRO A 409 4.46 -17.47 9.66
CA PRO A 409 3.17 -18.08 9.99
C PRO A 409 2.03 -17.18 9.55
N LYS A 410 0.93 -17.76 9.07
CA LYS A 410 -0.26 -16.99 8.75
C LYS A 410 -0.67 -16.09 9.93
N ILE A 411 -0.92 -14.80 9.66
CA ILE A 411 -1.47 -13.92 10.67
C ILE A 411 -2.77 -13.30 10.15
N LYS A 412 -3.58 -12.82 11.10
CA LYS A 412 -4.83 -12.13 10.75
C LYS A 412 -4.46 -10.73 10.23
N PRO A 413 -5.27 -10.10 9.37
CA PRO A 413 -4.94 -8.75 8.88
C PRO A 413 -4.89 -7.72 9.98
N SER A 414 -5.61 -7.96 11.08
CA SER A 414 -5.55 -7.02 12.19
C SER A 414 -4.24 -7.12 12.98
N GLN A 415 -3.33 -7.98 12.53
CA GLN A 415 -1.97 -8.04 13.08
C GLN A 415 -0.94 -7.48 12.10
N VAL A 416 -1.42 -6.84 11.04
CA VAL A 416 -0.53 -6.18 10.07
C VAL A 416 -0.66 -4.67 10.21
N ALA A 417 0.48 -3.98 10.23
CA ALA A 417 0.48 -2.54 10.40
C ALA A 417 1.24 -1.85 9.28
N LEU A 418 1.53 -2.57 8.18
CA LEU A 418 2.20 -1.95 7.03
C LEU A 418 1.17 -1.50 5.98
N VAL A 419 1.07 -0.17 5.76
CA VAL A 419 0.19 0.36 4.72
C VAL A 419 0.97 0.35 3.41
N MET A 420 0.41 -0.25 2.36
CA MET A 420 1.08 -0.31 1.08
CA MET A 420 1.12 -0.25 1.09
C MET A 420 0.35 0.59 0.09
N LEU A 421 1.11 1.42 -0.64
CA LEU A 421 0.48 2.51 -1.41
C LEU A 421 -0.09 2.00 -2.74
S1 MYA B . 0.72 -5.81 -7.63
C2 MYA B . 0.15 -4.83 -9.11
C3 MYA B . 0.57 -5.60 -10.33
N4 MYA B . 0.19 -4.86 -11.54
C5 MYA B . -0.95 -4.99 -12.25
O5 MYA B . -1.88 -5.76 -11.93
C6 MYA B . -1.04 -4.05 -13.46
C7 MYA B . -1.79 -4.62 -14.70
N8 MYA B . -1.24 -5.96 -15.05
C9 MYA B . -0.07 -6.13 -15.55
O9 MYA B . 0.68 -5.20 -15.76
C10 MYA B . 0.41 -7.52 -15.88
O10 MYA B . -0.72 -8.36 -16.01
C11 MYA B . 1.47 -8.08 -14.89
C12 MYA B . 1.80 -9.53 -15.21
C13 MYA B . 0.92 -7.94 -13.46
C14 MYA B . 2.78 -7.25 -14.90
N1A MYA B . 2.64 -10.17 -8.90
O1A MYA B . 4.59 -11.46 -17.96
P1A MYA B . 3.60 -12.55 -17.77
C1X MYA B . 2.75 -13.81 -12.48
C2A MYA B . 3.54 -11.18 -9.02
O2A MYA B . 3.38 -13.51 -18.90
P2A MYA B . 1.55 -10.50 -17.64
C2M MYA B . 2.38 -5.38 -7.44
O2M MYA B . 2.82 -4.41 -8.07
C2X MYA B . 1.86 -14.91 -12.93
O2X MYA B . 1.39 -15.71 -11.83
N3A MYA B . 3.42 -12.07 -10.03
O3A MYA B . 2.12 -11.98 -17.32
C3M MYA B . 3.28 -6.20 -6.61
C3X MYA B . 2.81 -15.70 -13.84
O3X MYA B . 3.67 -16.52 -13.05
P3X MYA B . 3.42 -18.10 -12.89
C4A MYA B . 2.40 -11.93 -10.93
O4A MYA B . 0.09 -10.68 -17.37
C4M MYA B . 4.24 -6.98 -7.56
C4X MYA B . 3.65 -14.61 -14.47
O4X MYA B . 3.43 -13.44 -13.68
C5A MYA B . 1.46 -10.92 -10.78
O5A MYA B . 1.93 -10.09 -19.00
C5M MYA B . 5.06 -7.96 -6.77
C5X MYA B . 3.19 -14.32 -15.87
O5X MYA B . 4.02 -13.28 -16.40
C6A MYA B . 1.58 -10.03 -9.71
N6A MYA B . 0.69 -8.99 -9.51
O6A MYA B . 2.28 -9.55 -16.56
C6M MYA B . 5.99 -8.67 -7.78
N7A MYA B . 0.57 -11.05 -11.81
O7A MYA B . 2.07 -18.14 -12.25
C7M MYA B . 6.86 -9.75 -7.07
C8A MYA B . 0.92 -12.11 -12.56
O8A MYA B . 3.49 -18.54 -14.30
C8M MYA B . 7.95 -9.08 -6.21
N9A MYA B . 2.03 -12.65 -12.00
O9A MYA B . 4.47 -18.66 -11.97
C9M MYA B . 8.93 -10.15 -5.71
CAM MYA B . 10.06 -9.56 -4.82
CBM MYA B . 11.20 -9.12 -5.73
CCM MYA B . 12.37 -8.45 -4.97
CDM MYA B . 13.11 -9.46 -4.09
CEM MYA B . 14.32 -8.75 -3.40
CFM MYA B . 14.96 -9.66 -2.31
MG MG C . 4.48 -10.38 -20.61
C17 HWZ D . -2.08 -2.28 -6.06
C12 HWZ D . -4.74 1.03 -4.36
C13 HWZ D . -3.90 -1.32 -4.68
C3 HWZ D . -4.42 -4.98 -6.94
C4 HWZ D . -7.84 -2.59 -5.04
C5 HWZ D . -8.99 -1.72 -4.70
C6 HWZ D . -10.36 -2.08 -4.77
C1 HWZ D . -6.53 -4.72 -5.28
C2 HWZ D . -5.84 -4.51 -6.65
C10 HWZ D . -8.65 -0.34 -4.31
C11 HWZ D . -6.36 -0.80 -4.59
N1 HWZ D . -3.37 -5.35 -7.28
N HWZ D . -7.84 -3.95 -5.34
C HWZ D . -9.13 -4.61 -5.52
N3 HWZ D . -6.61 -2.07 -4.93
N2 HWZ D . -7.35 0.02 -4.26
C9 HWZ D . -9.64 0.61 -3.99
C8 HWZ D . -10.99 0.23 -4.04
C7 HWZ D . -11.32 -1.09 -4.44
N4 HWZ D . -5.05 -0.37 -4.54
C18 HWZ D . -3.18 -1.16 -6.04
N5 HWZ D . -1.21 -2.13 -4.87
C16 HWZ D . 0.12 -2.83 -4.86
C15 HWZ D . -1.50 -1.45 -3.57
C14 HWZ D . -2.97 -0.93 -3.52
C17 HWZ E . -16.72 -3.61 -9.70
C12 HWZ E . -14.82 -0.91 -6.47
C13 HWZ E . -15.86 -1.31 -8.74
C3 HWZ E . -10.51 2.95 -6.25
C4 HWZ E . -11.06 -0.42 -8.92
C5 HWZ E . -10.53 -1.85 -9.05
C6 HWZ E . -9.21 -2.20 -9.41
C1 HWZ E . -10.50 2.05 -8.62
C2 HWZ E . -10.95 1.84 -7.15
C10 HWZ E . -11.50 -2.97 -8.74
C11 HWZ E . -13.26 -1.36 -8.30
N1 HWZ E . -10.12 3.73 -5.45
N HWZ E . -10.24 0.72 -9.21
C HWZ E . -9.12 0.65 -10.20
N3 HWZ E . -12.40 -0.29 -8.55
N2 HWZ E . -12.78 -2.66 -8.38
C9 HWZ E . -11.08 -4.29 -8.83
C8 HWZ E . -9.76 -4.58 -9.19
C7 HWZ E . -8.84 -3.55 -9.48
N4 HWZ E . -14.63 -1.20 -7.88
C18 HWZ E . -15.76 -2.39 -9.85
N5 HWZ E . -18.08 -3.20 -9.30
C16 HWZ E . -19.19 -4.12 -9.51
C15 HWZ E . -18.33 -1.90 -8.68
C14 HWZ E . -17.08 -1.61 -7.84
#